data_4O48
#
_entry.id   4O48
#
_cell.length_a   114.580
_cell.length_b   114.580
_cell.length_c   138.590
_cell.angle_alpha   90.00
_cell.angle_beta   90.00
_cell.angle_gamma   120.00
#
_symmetry.space_group_name_H-M   'P 32 2 1'
#
loop_
_entity.id
_entity.type
_entity.pdbx_description
1 polymer 'Uncharacterized protein'
2 non-polymer 'SODIUM ION'
3 non-polymer 'ASPARTIC ACID'
4 water water
#
_entity_poly.entity_id   1
_entity_poly.type   'polypeptide(L)'
_entity_poly.pdbx_seq_one_letter_code
;MGSSHHHHHHSSGGNENLYFQGHMEPVLVVHGGGASCISCERRQRVRQGVIRAASLGHGVLRAGGSAVDAVEAAVAALED
DAEFNAGHGSVLTENGDVEMDASIMDGRDLGAGAVSAVRCIANPIKLARLVMDKTPHCFLTGQGAAKFAADMGISEIPGE
QLVTERNRKRLEKERQEKDASSPDCPKNLGTVGAVALDCKGNVAYATSTGGIVNKMTGRVGDSPCIGSGGYADNSIGAVS
TTGHGESILKVNLARLALFHLEQGGKTVDEAADLALGYMKSRLKGLGGLILVSRTGEWVAKWTSTSMPWAAVKGGKVHAG
IDLNDTTVTDLC
;
_entity_poly.pdbx_strand_id   A,B
#
# COMPACT_ATOMS: atom_id res chain seq x y z
N HIS A 23 -13.33 29.76 10.72
CA HIS A 23 -13.74 28.88 9.58
C HIS A 23 -12.88 29.05 8.32
N MET A 24 -12.21 27.96 7.93
CA MET A 24 -11.44 27.90 6.68
C MET A 24 -12.34 28.03 5.47
N GLU A 25 -11.79 28.59 4.39
CA GLU A 25 -12.43 28.64 3.10
C GLU A 25 -12.27 27.30 2.35
N PRO A 26 -13.37 26.56 2.14
CA PRO A 26 -13.20 25.19 1.63
C PRO A 26 -12.61 25.13 0.21
N VAL A 27 -11.88 24.06 -0.09
CA VAL A 27 -11.19 23.91 -1.39
C VAL A 27 -11.51 22.56 -1.93
N LEU A 28 -11.51 22.41 -3.26
CA LEU A 28 -11.68 21.07 -3.80
C LEU A 28 -11.05 21.00 -5.15
N VAL A 29 -10.11 20.05 -5.29
CA VAL A 29 -9.43 19.73 -6.56
C VAL A 29 -9.82 18.33 -7.01
N VAL A 30 -9.93 18.13 -8.33
CA VAL A 30 -10.13 16.79 -8.87
C VAL A 30 -9.15 16.59 -10.02
N HIS A 31 -8.76 15.35 -10.25
CA HIS A 31 -7.99 15.04 -11.44
C HIS A 31 -8.64 13.93 -12.22
N GLY A 32 -8.38 13.94 -13.52
CA GLY A 32 -8.94 12.91 -14.43
C GLY A 32 -7.91 11.92 -14.94
N GLY A 33 -6.68 11.93 -14.41
CA GLY A 33 -5.64 10.94 -14.80
C GLY A 33 -4.79 11.44 -15.96
N GLY A 34 -3.55 10.97 -16.09
CA GLY A 34 -2.68 11.41 -17.18
C GLY A 34 -2.35 10.33 -18.20
N ALA A 35 -2.32 10.71 -19.48
CA ALA A 35 -2.02 9.77 -20.57
C ALA A 35 -1.00 10.34 -21.57
N SER A 36 -0.80 9.61 -22.67
CA SER A 36 0.02 10.05 -23.79
C SER A 36 -0.69 11.15 -24.58
N CYS A 37 -1.98 10.96 -24.85
CA CYS A 37 -2.78 11.99 -25.53
C CYS A 37 -4.28 11.80 -25.33
N ILE A 38 -5.03 12.87 -25.60
CA ILE A 38 -6.50 12.87 -25.58
C ILE A 38 -6.98 13.41 -26.93
N SER A 39 -8.19 13.00 -27.36
CA SER A 39 -8.76 13.43 -28.64
C SER A 39 -9.17 14.92 -28.60
N CYS A 40 -10.09 15.31 -29.48
CA CYS A 40 -10.63 16.68 -29.52
C CYS A 40 -12.16 16.73 -29.39
N GLU A 41 -12.85 15.67 -29.84
CA GLU A 41 -14.29 15.54 -29.67
C GLU A 41 -14.62 15.24 -28.20
N ARG A 42 -13.82 14.35 -27.61
CA ARG A 42 -13.99 13.98 -26.20
C ARG A 42 -13.12 14.81 -25.22
N ARG A 43 -12.41 15.83 -25.73
CA ARG A 43 -11.58 16.67 -24.88
C ARG A 43 -12.36 17.80 -24.21
N GLN A 44 -13.19 18.52 -24.99
CA GLN A 44 -14.13 19.46 -24.41
C GLN A 44 -15.03 18.73 -23.40
N ARG A 45 -15.42 17.50 -23.72
CA ARG A 45 -16.23 16.68 -22.82
C ARG A 45 -15.47 16.14 -21.58
N VAL A 46 -14.14 16.08 -21.65
CA VAL A 46 -13.32 15.68 -20.49
C VAL A 46 -13.22 16.85 -19.52
N ARG A 47 -12.96 18.02 -20.08
CA ARG A 47 -12.92 19.26 -19.34
C ARG A 47 -14.23 19.53 -18.60
N GLN A 48 -15.35 19.33 -19.30
CA GLN A 48 -16.69 19.47 -18.70
C GLN A 48 -16.84 18.52 -17.51
N GLY A 49 -16.29 17.33 -17.66
CA GLY A 49 -16.40 16.29 -16.65
C GLY A 49 -15.73 16.59 -15.34
N VAL A 50 -14.45 16.99 -15.40
CA VAL A 50 -13.72 17.37 -14.18
C VAL A 50 -14.32 18.62 -13.56
N ILE A 51 -14.70 19.60 -14.40
CA ILE A 51 -15.38 20.81 -13.87
C ILE A 51 -16.64 20.46 -13.12
N ARG A 52 -17.47 19.56 -13.65
CA ARG A 52 -18.71 19.21 -12.96
C ARG A 52 -18.49 18.43 -11.67
N ALA A 53 -17.50 17.54 -11.65
CA ALA A 53 -17.25 16.78 -10.44
C ALA A 53 -16.70 17.71 -9.39
N ALA A 54 -15.92 18.70 -9.81
CA ALA A 54 -15.36 19.68 -8.89
C ALA A 54 -16.40 20.57 -8.27
N SER A 55 -17.35 21.08 -9.08
CA SER A 55 -18.49 21.88 -8.58
C SER A 55 -19.41 21.07 -7.67
N LEU A 56 -19.64 19.81 -8.04
CA LEU A 56 -20.41 18.93 -7.22
C LEU A 56 -19.78 18.75 -5.84
N GLY A 57 -18.51 18.34 -5.81
CA GLY A 57 -17.83 18.15 -4.57
C GLY A 57 -17.77 19.41 -3.73
N HIS A 58 -17.58 20.56 -4.37
CA HIS A 58 -17.42 21.84 -3.69
C HIS A 58 -18.74 22.37 -3.18
N GLY A 59 -19.84 21.99 -3.84
CA GLY A 59 -21.17 22.34 -3.36
C GLY A 59 -21.49 21.60 -2.08
N VAL A 60 -20.94 20.39 -1.94
CA VAL A 60 -21.06 19.65 -0.70
C VAL A 60 -20.33 20.36 0.42
N LEU A 61 -19.16 20.92 0.15
CA LEU A 61 -18.41 21.63 1.19
C LEU A 61 -19.09 22.94 1.56
N ARG A 62 -19.54 23.70 0.57
CA ARG A 62 -20.35 24.89 0.83
C ARG A 62 -21.57 24.61 1.72
N ALA A 63 -22.18 23.43 1.61
CA ALA A 63 -23.34 23.09 2.45
C ALA A 63 -23.00 22.58 3.84
N GLY A 64 -21.71 22.43 4.18
CA GLY A 64 -21.32 21.99 5.52
C GLY A 64 -20.98 20.51 5.60
N GLY A 65 -20.98 19.85 4.44
CA GLY A 65 -20.46 18.49 4.36
C GLY A 65 -18.96 18.43 4.59
N SER A 66 -18.49 17.24 4.97
CA SER A 66 -17.09 17.01 5.31
C SER A 66 -16.21 16.88 4.09
N ALA A 67 -14.92 17.02 4.33
CA ALA A 67 -13.93 16.74 3.32
C ALA A 67 -14.18 15.38 2.69
N VAL A 68 -14.52 14.40 3.52
CA VAL A 68 -14.70 13.02 3.08
C VAL A 68 -15.96 12.91 2.22
N ASP A 69 -17.05 13.56 2.63
CA ASP A 69 -18.27 13.65 1.79
C ASP A 69 -17.99 14.18 0.40
N ALA A 70 -17.14 15.16 0.31
CA ALA A 70 -16.92 15.85 -0.94
C ALA A 70 -16.01 15.10 -1.91
N VAL A 71 -15.01 14.41 -1.39
CA VAL A 71 -14.22 13.56 -2.26
C VAL A 71 -14.99 12.31 -2.70
N GLU A 72 -15.80 11.72 -1.85
CA GLU A 72 -16.65 10.61 -2.31
C GLU A 72 -17.57 11.05 -3.44
N ALA A 73 -18.17 12.23 -3.26
CA ALA A 73 -19.13 12.73 -4.20
C ALA A 73 -18.50 13.07 -5.55
N ALA A 74 -17.30 13.61 -5.55
CA ALA A 74 -16.62 14.01 -6.79
C ALA A 74 -16.01 12.80 -7.50
N VAL A 75 -15.32 11.96 -6.73
CA VAL A 75 -14.82 10.71 -7.26
C VAL A 75 -16.00 9.85 -7.81
N ALA A 76 -17.11 9.80 -7.10
CA ALA A 76 -18.28 9.00 -7.56
C ALA A 76 -18.92 9.51 -8.83
N ALA A 77 -19.00 10.83 -8.97
CA ALA A 77 -19.41 11.43 -10.26
C ALA A 77 -18.49 11.07 -11.40
N LEU A 78 -17.19 11.01 -11.12
CA LEU A 78 -16.22 10.72 -12.17
C LEU A 78 -16.24 9.25 -12.55
N GLU A 79 -16.55 8.39 -11.59
CA GLU A 79 -16.78 6.99 -11.83
C GLU A 79 -17.97 6.81 -12.74
N ASP A 80 -19.07 7.53 -12.47
CA ASP A 80 -20.28 7.47 -13.31
C ASP A 80 -20.08 8.12 -14.70
N ASP A 81 -19.26 9.17 -14.81
CA ASP A 81 -18.87 9.73 -16.12
C ASP A 81 -18.06 8.71 -16.87
N ALA A 82 -18.64 8.23 -17.96
CA ALA A 82 -17.99 7.19 -18.73
C ALA A 82 -16.72 7.64 -19.43
N GLU A 83 -16.41 8.94 -19.47
CA GLU A 83 -15.19 9.39 -20.19
C GLU A 83 -13.86 9.10 -19.44
N PHE A 84 -13.96 8.53 -18.24
CA PHE A 84 -12.84 8.43 -17.33
C PHE A 84 -12.72 7.02 -16.87
N ASN A 85 -11.45 6.59 -16.67
CA ASN A 85 -11.09 5.20 -16.36
C ASN A 85 -11.25 4.95 -14.87
N ALA A 86 -12.50 4.78 -14.50
CA ALA A 86 -12.89 4.51 -13.15
C ALA A 86 -14.39 4.32 -13.26
N GLY A 87 -14.92 3.38 -12.49
CA GLY A 87 -16.31 3.00 -12.56
C GLY A 87 -16.69 2.59 -13.97
N HIS A 88 -17.87 3.04 -14.42
CA HIS A 88 -18.29 2.89 -15.80
C HIS A 88 -17.25 3.60 -16.62
N GLY A 89 -16.56 2.88 -17.47
CA GLY A 89 -15.55 3.48 -18.36
C GLY A 89 -14.16 3.05 -17.93
N SER A 90 -14.12 2.09 -17.00
CA SER A 90 -12.89 1.48 -16.56
C SER A 90 -12.28 0.69 -17.69
N VAL A 91 -10.95 0.70 -17.74
CA VAL A 91 -10.21 -0.04 -18.77
C VAL A 91 -10.32 -1.53 -18.56
N LEU A 92 -9.84 -2.30 -19.54
CA LEU A 92 -10.01 -3.74 -19.51
C LEU A 92 -8.73 -4.49 -19.16
N THR A 93 -8.84 -5.47 -18.27
CA THR A 93 -7.76 -6.42 -17.99
C THR A 93 -7.52 -7.35 -19.17
N GLU A 94 -6.47 -8.17 -19.06
CA GLU A 94 -6.14 -9.21 -20.07
C GLU A 94 -7.33 -10.09 -20.52
N ASN A 95 -8.26 -10.36 -19.60
CA ASN A 95 -9.43 -11.19 -19.90
C ASN A 95 -10.62 -10.42 -20.41
N GLY A 96 -10.39 -9.20 -20.89
CA GLY A 96 -11.48 -8.26 -21.27
C GLY A 96 -12.47 -7.98 -20.17
N ASP A 97 -12.04 -8.07 -18.92
CA ASP A 97 -12.96 -7.88 -17.77
C ASP A 97 -12.71 -6.53 -17.09
N VAL A 98 -13.65 -6.05 -16.29
CA VAL A 98 -13.39 -4.83 -15.48
C VAL A 98 -13.06 -5.20 -14.04
N GLU A 99 -11.87 -4.80 -13.58
CA GLU A 99 -11.49 -4.92 -12.16
C GLU A 99 -11.04 -3.55 -11.67
N MET A 100 -11.63 -3.10 -10.57
CA MET A 100 -11.50 -1.73 -10.09
C MET A 100 -10.83 -1.64 -8.74
N ASP A 101 -10.09 -0.56 -8.52
CA ASP A 101 -9.51 -0.23 -7.24
C ASP A 101 -9.94 1.16 -6.79
N ALA A 102 -10.08 1.34 -5.48
CA ALA A 102 -10.28 2.68 -4.93
C ALA A 102 -9.88 2.78 -3.45
N SER A 103 -9.66 4.01 -3.00
CA SER A 103 -9.26 4.25 -1.59
C SER A 103 -9.73 5.63 -1.21
N ILE A 104 -9.97 5.82 0.09
CA ILE A 104 -10.44 7.12 0.59
C ILE A 104 -9.78 7.38 1.97
N MET A 105 -9.55 8.63 2.32
CA MET A 105 -8.90 8.85 3.62
C MET A 105 -9.32 10.13 4.32
N ASP A 106 -9.43 10.01 5.64
CA ASP A 106 -9.78 11.07 6.53
C ASP A 106 -8.55 11.68 7.17
N GLY A 107 -8.17 12.87 6.74
CA GLY A 107 -7.02 13.56 7.35
C GLY A 107 -7.08 13.73 8.88
N ARG A 108 -8.27 13.61 9.45
CA ARG A 108 -8.49 14.00 10.86
C ARG A 108 -7.99 12.95 11.84
N ASP A 109 -8.40 11.70 11.63
CA ASP A 109 -7.97 10.58 12.46
C ASP A 109 -7.22 9.52 11.66
N LEU A 110 -6.87 9.82 10.41
CA LEU A 110 -6.21 8.84 9.54
C LEU A 110 -7.09 7.66 9.17
N GLY A 111 -8.39 7.75 9.46
CA GLY A 111 -9.34 6.78 8.92
C GLY A 111 -9.06 6.55 7.45
N ALA A 112 -9.05 5.30 7.03
CA ALA A 112 -8.87 4.99 5.59
C ALA A 112 -9.71 3.77 5.21
N GLY A 113 -10.08 3.68 3.95
CA GLY A 113 -10.86 2.57 3.45
C GLY A 113 -10.42 2.31 2.02
N ALA A 114 -10.38 1.04 1.62
CA ALA A 114 -9.87 0.68 0.32
C ALA A 114 -10.46 -0.62 -0.20
N VAL A 115 -10.53 -0.71 -1.53
CA VAL A 115 -10.99 -1.95 -2.17
C VAL A 115 -10.09 -2.19 -3.38
N SER A 116 -9.69 -3.43 -3.62
CA SER A 116 -8.93 -3.78 -4.81
C SER A 116 -9.60 -4.94 -5.52
N ALA A 117 -9.54 -4.95 -6.86
CA ALA A 117 -9.91 -6.12 -7.68
C ALA A 117 -11.37 -6.39 -7.57
N VAL A 118 -12.13 -5.30 -7.68
CA VAL A 118 -13.52 -5.27 -7.41
C VAL A 118 -14.22 -5.36 -8.77
N ARG A 119 -15.22 -6.24 -8.83
CA ARG A 119 -15.98 -6.46 -10.05
C ARG A 119 -17.47 -6.17 -9.89
N CYS A 120 -18.08 -5.81 -11.00
CA CYS A 120 -19.52 -5.66 -11.11
C CYS A 120 -20.16 -4.72 -10.07
N ILE A 121 -19.38 -3.76 -9.54
CA ILE A 121 -19.90 -2.73 -8.61
C ILE A 121 -19.83 -1.38 -9.28
N ALA A 122 -20.88 -0.58 -9.11
CA ALA A 122 -21.04 0.65 -9.88
C ALA A 122 -20.06 1.69 -9.38
N ASN A 123 -19.95 1.81 -8.06
CA ASN A 123 -19.15 2.86 -7.47
C ASN A 123 -18.16 2.32 -6.46
N PRO A 124 -16.97 1.90 -6.95
CA PRO A 124 -15.98 1.40 -6.01
C PRO A 124 -15.61 2.38 -4.84
N ILE A 125 -15.71 3.69 -5.03
CA ILE A 125 -15.29 4.64 -3.96
C ILE A 125 -16.21 4.63 -2.75
N LYS A 126 -17.47 4.35 -3.03
CA LYS A 126 -18.50 4.31 -2.02
C LYS A 126 -18.46 3.01 -1.25
N LEU A 127 -18.04 1.94 -1.88
CA LEU A 127 -17.63 0.74 -1.17
C LEU A 127 -16.48 0.95 -0.22
N ALA A 128 -15.47 1.69 -0.70
CA ALA A 128 -14.26 1.95 0.07
C ALA A 128 -14.56 2.79 1.30
N ARG A 129 -15.46 3.75 1.13
CA ARG A 129 -15.87 4.53 2.27
C ARG A 129 -16.63 3.68 3.26
N LEU A 130 -17.50 2.78 2.81
CA LEU A 130 -18.16 1.86 3.75
C LEU A 130 -17.13 0.91 4.37
N VAL A 131 -15.98 0.66 3.74
CA VAL A 131 -14.91 -0.08 4.45
C VAL A 131 -14.36 0.72 5.63
N MET A 132 -14.09 2.01 5.40
CA MET A 132 -13.61 2.90 6.45
C MET A 132 -14.50 3.01 7.66
N ASP A 133 -15.75 3.44 7.44
CA ASP A 133 -16.71 3.77 8.52
C ASP A 133 -17.36 2.54 9.17
N LYS A 134 -17.50 1.45 8.43
CA LYS A 134 -18.35 0.33 8.87
C LYS A 134 -17.57 -0.92 9.32
N THR A 135 -16.28 -0.99 9.07
CA THR A 135 -15.48 -2.17 9.47
C THR A 135 -14.33 -1.71 10.33
N PRO A 136 -13.70 -2.63 11.10
CA PRO A 136 -12.43 -2.35 11.75
C PRO A 136 -11.22 -2.48 10.80
N HIS A 137 -11.47 -2.59 9.51
CA HIS A 137 -10.39 -2.79 8.57
C HIS A 137 -10.35 -1.63 7.62
N CYS A 138 -9.23 -1.54 6.89
CA CYS A 138 -8.98 -0.47 5.90
C CYS A 138 -9.01 -0.90 4.44
N PHE A 139 -8.75 -2.17 4.17
CA PHE A 139 -8.49 -2.66 2.83
C PHE A 139 -9.16 -4.05 2.65
N LEU A 140 -10.07 -4.17 1.68
CA LEU A 140 -10.71 -5.46 1.33
C LEU A 140 -10.51 -5.73 -0.16
N THR A 141 -10.39 -7.00 -0.56
CA THR A 141 -10.09 -7.29 -1.94
C THR A 141 -11.01 -8.37 -2.50
N GLY A 142 -11.19 -8.38 -3.83
CA GLY A 142 -11.82 -9.51 -4.53
C GLY A 142 -13.16 -9.96 -3.98
N GLN A 143 -13.33 -11.27 -3.77
CA GLN A 143 -14.60 -11.79 -3.27
C GLN A 143 -14.97 -11.24 -1.87
N GLY A 144 -13.96 -10.94 -1.05
CA GLY A 144 -14.21 -10.33 0.27
C GLY A 144 -14.83 -8.95 0.18
N ALA A 145 -14.39 -8.18 -0.80
CA ALA A 145 -14.99 -6.88 -1.08
C ALA A 145 -16.43 -7.09 -1.52
N ALA A 146 -16.66 -8.04 -2.42
CA ALA A 146 -17.99 -8.42 -2.90
C ALA A 146 -18.95 -8.87 -1.80
N LYS A 147 -18.50 -9.71 -0.87
CA LYS A 147 -19.38 -10.13 0.25
C LYS A 147 -19.71 -8.94 1.15
N PHE A 148 -18.78 -8.00 1.25
CA PHE A 148 -18.99 -6.83 2.06
C PHE A 148 -20.02 -5.92 1.39
N ALA A 149 -20.00 -5.87 0.05
CA ALA A 149 -20.99 -5.09 -0.67
C ALA A 149 -22.41 -5.64 -0.52
N ALA A 150 -22.59 -6.96 -0.60
CA ALA A 150 -23.92 -7.56 -0.37
C ALA A 150 -24.44 -7.32 1.05
N ASP A 151 -23.52 -7.35 2.02
CA ASP A 151 -23.85 -7.02 3.41
C ASP A 151 -24.32 -5.56 3.58
N MET A 152 -24.00 -4.69 2.61
CA MET A 152 -24.24 -3.26 2.75
C MET A 152 -25.44 -2.79 1.96
N GLY A 153 -25.99 -3.69 1.14
CA GLY A 153 -27.19 -3.44 0.38
C GLY A 153 -26.87 -3.12 -1.05
N ILE A 154 -25.59 -3.15 -1.38
CA ILE A 154 -25.15 -2.73 -2.69
C ILE A 154 -25.28 -3.88 -3.64
N SER A 155 -25.60 -3.59 -4.88
CA SER A 155 -25.99 -4.60 -5.82
C SER A 155 -24.96 -4.64 -6.93
N GLU A 156 -24.64 -5.86 -7.33
CA GLU A 156 -23.79 -6.07 -8.46
C GLU A 156 -24.57 -5.62 -9.67
N ILE A 157 -23.84 -5.18 -10.68
CA ILE A 157 -24.42 -4.88 -11.98
C ILE A 157 -23.77 -5.84 -12.96
N PRO A 158 -24.40 -6.10 -14.12
CA PRO A 158 -23.65 -6.91 -15.08
C PRO A 158 -22.40 -6.15 -15.54
N GLY A 159 -21.29 -6.84 -15.74
CA GLY A 159 -20.01 -6.19 -16.01
C GLY A 159 -19.90 -5.55 -17.38
N GLU A 160 -20.71 -6.02 -18.32
CA GLU A 160 -20.73 -5.40 -19.66
C GLU A 160 -21.11 -3.90 -19.59
N GLN A 161 -21.94 -3.49 -18.64
CA GLN A 161 -22.32 -2.06 -18.63
C GLN A 161 -21.25 -1.09 -18.07
N LEU A 162 -20.14 -1.59 -17.52
CA LEU A 162 -19.00 -0.71 -17.24
C LEU A 162 -18.04 -0.61 -18.45
N VAL A 163 -18.29 -1.43 -19.49
CA VAL A 163 -17.40 -1.54 -20.65
C VAL A 163 -17.86 -0.61 -21.75
N THR A 164 -16.96 0.21 -22.26
CA THR A 164 -17.22 1.01 -23.43
C THR A 164 -16.52 0.40 -24.62
N GLU A 165 -16.98 0.79 -25.79
CA GLU A 165 -16.39 0.32 -27.04
C GLU A 165 -14.99 0.85 -27.18
N ARG A 166 -14.78 2.11 -26.77
CA ARG A 166 -13.43 2.70 -26.75
C ARG A 166 -12.46 1.77 -26.03
N ASN A 167 -12.91 1.18 -24.93
CA ASN A 167 -12.05 0.32 -24.13
C ASN A 167 -11.93 -1.11 -24.65
N ARG A 168 -12.91 -1.56 -25.43
CA ARG A 168 -12.75 -2.83 -26.14
C ARG A 168 -11.63 -2.71 -27.19
N LYS A 169 -11.54 -1.56 -27.86
CA LYS A 169 -10.55 -1.32 -28.92
C LYS A 169 -9.14 -0.98 -28.41
N ARG A 170 -9.04 -0.27 -27.28
CA ARG A 170 -7.74 -0.12 -26.60
C ARG A 170 -7.19 -1.50 -26.25
N LEU A 171 -8.02 -2.35 -25.66
CA LEU A 171 -7.58 -3.67 -25.25
C LEU A 171 -7.02 -4.42 -26.45
N GLU A 172 -7.75 -4.37 -27.56
CA GLU A 172 -7.24 -5.00 -28.77
C GLU A 172 -6.01 -4.29 -29.36
N LYS A 173 -6.01 -2.97 -29.45
CA LYS A 173 -4.80 -2.26 -29.93
C LYS A 173 -3.57 -2.70 -29.14
N GLU A 174 -3.73 -2.94 -27.84
CA GLU A 174 -2.62 -3.31 -26.96
C GLU A 174 -2.28 -4.82 -27.01
N ARG A 175 -3.29 -5.67 -27.22
CA ARG A 175 -3.07 -7.12 -27.33
C ARG A 175 -2.62 -7.57 -28.73
N GLN A 176 -2.60 -6.66 -29.69
CA GLN A 176 -1.96 -6.94 -30.97
C GLN A 176 -0.54 -6.36 -30.95
N GLU A 177 -0.41 -5.07 -31.24
CA GLU A 177 0.90 -4.39 -31.22
C GLU A 177 1.19 -3.90 -29.80
N LYS A 178 2.23 -4.47 -29.18
CA LYS A 178 2.57 -4.25 -27.74
C LYS A 178 1.98 -5.35 -26.86
N THR A 191 -7.54 6.93 -14.38
CA THR A 191 -7.69 7.14 -12.93
C THR A 191 -8.34 8.50 -12.61
N VAL A 192 -9.03 8.59 -11.47
CA VAL A 192 -9.68 9.87 -11.05
C VAL A 192 -9.51 10.09 -9.56
N GLY A 193 -9.52 11.34 -9.14
CA GLY A 193 -9.37 11.58 -7.72
C GLY A 193 -9.63 12.97 -7.28
N ALA A 194 -9.56 13.16 -5.97
CA ALA A 194 -10.00 14.39 -5.38
C ALA A 194 -9.41 14.63 -4.02
N VAL A 195 -9.07 15.88 -3.73
CA VAL A 195 -8.75 16.33 -2.35
C VAL A 195 -9.69 17.46 -1.97
N ALA A 196 -10.02 17.55 -0.68
CA ALA A 196 -10.85 18.60 -0.12
C ALA A 196 -10.21 19.12 1.14
N LEU A 197 -10.43 20.40 1.41
CA LEU A 197 -10.27 21.01 2.72
C LEU A 197 -11.64 21.57 3.02
N ASP A 198 -12.29 21.12 4.10
CA ASP A 198 -13.66 21.55 4.36
C ASP A 198 -13.69 22.82 5.24
N CYS A 199 -14.88 23.30 5.60
CA CYS A 199 -14.99 24.61 6.28
CA CYS A 199 -15.02 24.60 6.30
C CYS A 199 -14.39 24.59 7.67
N LYS A 200 -14.29 23.39 8.24
CA LYS A 200 -13.72 23.26 9.58
C LYS A 200 -12.25 22.87 9.54
N GLY A 201 -11.71 22.69 8.33
CA GLY A 201 -10.30 22.49 8.14
C GLY A 201 -9.82 21.06 8.09
N ASN A 202 -10.73 20.10 7.98
CA ASN A 202 -10.33 18.72 7.73
C ASN A 202 -9.95 18.51 6.26
N VAL A 203 -8.92 17.71 5.98
CA VAL A 203 -8.51 17.37 4.58
C VAL A 203 -8.76 15.90 4.25
N ALA A 204 -8.75 15.54 2.96
CA ALA A 204 -9.08 14.17 2.59
C ALA A 204 -8.85 13.95 1.12
N TYR A 205 -8.78 12.67 0.72
CA TYR A 205 -8.62 12.35 -0.70
C TYR A 205 -9.41 11.12 -1.04
N ALA A 206 -9.60 10.93 -2.33
CA ALA A 206 -10.24 9.74 -2.86
C ALA A 206 -9.62 9.55 -4.21
N THR A 207 -9.32 8.29 -4.51
CA THR A 207 -8.76 7.88 -5.78
C THR A 207 -9.52 6.62 -6.21
N SER A 208 -9.81 6.55 -7.49
CA SER A 208 -10.53 5.42 -8.04
C SER A 208 -10.01 5.20 -9.43
N THR A 209 -9.82 3.93 -9.79
CA THR A 209 -9.37 3.61 -11.13
C THR A 209 -9.91 2.28 -11.64
N GLY A 210 -9.77 2.09 -12.94
CA GLY A 210 -10.01 0.79 -13.50
C GLY A 210 -8.72 0.04 -13.72
N GLY A 211 -7.58 0.69 -13.46
CA GLY A 211 -6.28 0.08 -13.62
C GLY A 211 -5.55 0.55 -14.85
N ILE A 212 -4.71 -0.33 -15.40
CA ILE A 212 -4.01 -0.05 -16.64
C ILE A 212 -4.45 -1.07 -17.68
N VAL A 213 -4.57 -0.67 -18.94
CA VAL A 213 -5.15 -1.56 -19.94
C VAL A 213 -4.28 -2.82 -20.12
N ASN A 214 -4.94 -3.98 -20.21
CA ASN A 214 -4.28 -5.28 -20.37
C ASN A 214 -3.44 -5.70 -19.17
N LYS A 215 -3.89 -5.32 -17.97
CA LYS A 215 -3.27 -5.76 -16.73
C LYS A 215 -3.62 -7.23 -16.45
N MET A 216 -2.80 -7.90 -15.64
CA MET A 216 -3.09 -9.27 -15.26
C MET A 216 -4.25 -9.24 -14.28
N THR A 217 -5.15 -10.21 -14.43
CA THR A 217 -6.18 -10.48 -13.47
C THR A 217 -5.57 -10.40 -12.07
N GLY A 218 -6.22 -9.63 -11.20
CA GLY A 218 -5.76 -9.53 -9.83
C GLY A 218 -4.63 -8.58 -9.66
N ARG A 219 -4.26 -7.87 -10.72
CA ARG A 219 -3.24 -6.85 -10.60
C ARG A 219 -3.79 -5.68 -9.79
N VAL A 220 -3.06 -5.32 -8.72
CA VAL A 220 -3.41 -4.21 -7.84
C VAL A 220 -2.42 -3.12 -8.08
N GLY A 221 -2.93 -1.91 -8.29
CA GLY A 221 -2.10 -0.74 -8.57
C GLY A 221 -1.85 0.07 -7.32
N ASP A 222 -1.47 1.31 -7.53
CA ASP A 222 -1.32 2.24 -6.42
C ASP A 222 -2.62 2.78 -5.83
N SER A 223 -3.75 2.66 -6.52
CA SER A 223 -4.96 3.49 -6.17
C SER A 223 -5.58 3.17 -4.82
N PRO A 224 -5.63 1.86 -4.44
CA PRO A 224 -6.16 1.44 -3.17
C PRO A 224 -5.10 1.31 -2.06
N CYS A 225 -3.98 2.00 -2.23
CA CYS A 225 -2.81 1.81 -1.38
C CYS A 225 -2.47 3.14 -0.72
N ILE A 226 -2.51 3.20 0.62
CA ILE A 226 -2.36 4.47 1.35
C ILE A 226 -0.92 4.89 1.32
N GLY A 227 -0.67 6.09 0.86
CA GLY A 227 0.69 6.56 0.70
C GLY A 227 1.06 6.58 -0.77
N SER A 228 0.36 5.79 -1.59
CA SER A 228 0.68 5.76 -3.01
C SER A 228 -0.39 6.38 -3.89
N GLY A 229 -1.63 5.89 -3.79
CA GLY A 229 -2.75 6.48 -4.54
C GLY A 229 -3.26 7.77 -3.95
N GLY A 230 -2.97 8.00 -2.67
CA GLY A 230 -3.28 9.24 -2.03
C GLY A 230 -2.91 9.16 -0.55
N TYR A 231 -2.89 10.33 0.11
CA TYR A 231 -2.70 10.45 1.55
C TYR A 231 -3.37 11.75 2.04
N ALA A 232 -3.91 11.69 3.24
CA ALA A 232 -4.56 12.85 3.81
C ALA A 232 -4.23 12.92 5.28
N ASP A 233 -3.70 14.04 5.74
CA ASP A 233 -3.33 14.20 7.15
C ASP A 233 -3.53 15.67 7.53
N ASN A 234 -4.44 15.91 8.50
CA ASN A 234 -4.79 17.32 8.85
C ASN A 234 -3.59 18.17 9.22
N SER A 235 -2.51 17.54 9.70
CA SER A 235 -1.26 18.23 10.04
C SER A 235 -0.44 18.67 8.85
N ILE A 236 -0.83 18.26 7.63
CA ILE A 236 -0.07 18.61 6.42
C ILE A 236 -0.96 18.98 5.24
N GLY A 237 -1.73 18.02 4.75
CA GLY A 237 -2.49 18.22 3.50
C GLY A 237 -3.00 16.92 2.93
N ALA A 238 -3.59 16.96 1.76
CA ALA A 238 -4.06 15.72 1.18
C ALA A 238 -3.63 15.69 -0.26
N VAL A 239 -3.40 14.48 -0.79
CA VAL A 239 -2.91 14.27 -2.15
C VAL A 239 -3.68 13.09 -2.75
N SER A 240 -3.88 13.15 -4.07
CA SER A 240 -4.36 12.04 -4.88
C SER A 240 -3.42 11.99 -6.04
N THR A 241 -3.02 10.78 -6.44
CA THR A 241 -2.08 10.64 -7.53
C THR A 241 -2.73 9.95 -8.69
N THR A 242 -2.01 9.97 -9.81
CA THR A 242 -2.29 9.19 -10.98
C THR A 242 -0.98 9.04 -11.78
N GLY A 243 -0.91 8.05 -12.65
CA GLY A 243 0.32 7.81 -13.47
C GLY A 243 0.71 6.34 -13.47
N HIS A 244 1.98 6.04 -13.69
CA HIS A 244 2.44 4.64 -13.66
C HIS A 244 2.36 3.95 -12.28
N GLY A 245 1.43 3.01 -12.14
CA GLY A 245 1.03 2.50 -10.82
C GLY A 245 2.15 1.88 -10.03
N GLU A 246 2.96 1.07 -10.72
CA GLU A 246 4.06 0.40 -10.11
C GLU A 246 5.11 1.42 -9.56
N SER A 247 5.53 2.36 -10.39
CA SER A 247 6.37 3.47 -9.94
C SER A 247 5.79 4.24 -8.76
N ILE A 248 4.51 4.57 -8.84
CA ILE A 248 3.83 5.31 -7.78
C ILE A 248 3.95 4.63 -6.45
N LEU A 249 3.67 3.33 -6.40
CA LEU A 249 3.89 2.54 -5.18
C LEU A 249 5.34 2.48 -4.73
N LYS A 250 6.26 2.31 -5.67
CA LYS A 250 7.67 2.08 -5.24
C LYS A 250 8.27 3.32 -4.56
N VAL A 251 7.80 4.49 -4.94
CA VAL A 251 8.26 5.71 -4.31
C VAL A 251 7.30 6.26 -3.23
N ASN A 252 6.18 5.56 -2.96
CA ASN A 252 5.08 6.12 -2.13
C ASN A 252 4.83 7.58 -2.47
N LEU A 253 4.26 7.82 -3.63
CA LEU A 253 4.28 9.12 -4.25
C LEU A 253 3.48 10.17 -3.49
N ALA A 254 2.30 9.79 -3.01
CA ALA A 254 1.46 10.73 -2.26
C ALA A 254 2.11 11.03 -0.94
N ARG A 255 2.57 10.00 -0.24
CA ARG A 255 3.17 10.24 1.06
C ARG A 255 4.40 11.15 0.96
N LEU A 256 5.14 11.00 -0.14
CA LEU A 256 6.35 11.76 -0.45
C LEU A 256 6.11 13.21 -0.73
N ALA A 257 5.17 13.50 -1.65
CA ALA A 257 4.70 14.88 -1.88
C ALA A 257 4.53 15.56 -0.55
N LEU A 258 3.82 14.90 0.34
CA LEU A 258 3.56 15.44 1.66
C LEU A 258 4.80 15.54 2.57
N PHE A 259 5.77 14.64 2.41
CA PHE A 259 7.02 14.69 3.19
CA PHE A 259 6.99 14.70 3.21
C PHE A 259 7.79 15.97 2.91
N HIS A 260 7.95 16.29 1.65
CA HIS A 260 8.62 17.52 1.27
C HIS A 260 7.92 18.72 1.83
N LEU A 261 6.59 18.70 1.78
CA LEU A 261 5.80 19.82 2.24
C LEU A 261 5.93 19.99 3.73
N GLU A 262 5.84 18.89 4.50
CA GLU A 262 6.05 19.00 5.95
C GLU A 262 7.50 19.39 6.36
N GLN A 263 8.46 19.37 5.45
CA GLN A 263 9.85 19.67 5.85
C GLN A 263 10.12 21.16 6.04
N GLY A 264 9.33 22.01 5.39
CA GLY A 264 9.53 23.44 5.43
C GLY A 264 10.39 23.89 4.25
N GLY A 265 10.32 25.19 3.95
CA GLY A 265 11.08 25.80 2.86
C GLY A 265 10.46 25.59 1.49
N LYS A 266 9.26 25.05 1.45
CA LYS A 266 8.69 24.60 0.17
C LYS A 266 7.23 25.03 -0.01
N THR A 267 6.86 25.44 -1.21
CA THR A 267 5.45 25.62 -1.53
C THR A 267 4.88 24.28 -1.95
N VAL A 268 3.56 24.20 -1.99
CA VAL A 268 2.84 23.03 -2.51
C VAL A 268 3.28 22.73 -3.95
N ASP A 269 3.56 23.77 -4.71
CA ASP A 269 4.10 23.66 -6.07
C ASP A 269 5.44 22.91 -6.12
N GLU A 270 6.34 23.27 -5.21
CA GLU A 270 7.69 22.70 -5.14
C GLU A 270 7.66 21.26 -4.63
N ALA A 271 6.93 21.05 -3.54
CA ALA A 271 6.76 19.71 -2.95
C ALA A 271 6.27 18.67 -3.97
N ALA A 272 5.42 19.10 -4.89
CA ALA A 272 4.89 18.19 -5.92
C ALA A 272 5.82 18.05 -7.14
N ASP A 273 6.60 19.09 -7.44
CA ASP A 273 7.63 18.98 -8.49
C ASP A 273 8.71 17.97 -8.10
N LEU A 274 9.06 17.96 -6.82
CA LEU A 274 10.14 17.13 -6.31
C LEU A 274 9.74 15.66 -6.20
N ALA A 275 8.61 15.40 -5.55
CA ALA A 275 8.02 14.07 -5.56
C ALA A 275 7.92 13.51 -6.98
N LEU A 276 7.39 14.28 -7.93
CA LEU A 276 7.16 13.76 -9.29
C LEU A 276 8.45 13.68 -10.08
N GLY A 277 9.36 14.61 -9.78
CA GLY A 277 10.64 14.71 -10.42
C GLY A 277 11.51 13.56 -10.02
N TYR A 278 11.38 13.15 -8.76
CA TYR A 278 12.08 11.98 -8.26
C TYR A 278 11.55 10.68 -8.88
N MET A 279 10.24 10.46 -8.81
CA MET A 279 9.64 9.30 -9.47
C MET A 279 10.14 9.11 -10.92
N LYS A 280 10.19 10.21 -11.68
CA LYS A 280 10.69 10.18 -13.07
C LYS A 280 12.21 9.98 -13.19
N SER A 281 12.99 10.63 -12.32
CA SER A 281 14.44 10.49 -12.39
C SER A 281 14.89 9.12 -11.85
N ARG A 282 14.22 8.60 -10.83
CA ARG A 282 14.63 7.31 -10.26
C ARG A 282 14.03 6.14 -11.01
N LEU A 283 12.86 6.31 -11.64
CA LEU A 283 12.15 5.17 -12.24
C LEU A 283 11.68 5.34 -13.67
N LYS A 284 11.91 6.53 -14.23
CA LYS A 284 11.26 6.95 -15.47
C LYS A 284 9.75 6.88 -15.43
N GLY A 285 9.18 6.76 -14.24
CA GLY A 285 7.72 6.79 -14.07
C GLY A 285 7.12 8.19 -14.17
N LEU A 286 6.13 8.35 -15.03
CA LEU A 286 5.46 9.63 -15.26
C LEU A 286 4.07 9.54 -14.67
N GLY A 287 3.53 10.70 -14.28
CA GLY A 287 2.25 10.76 -13.61
C GLY A 287 1.84 12.16 -13.23
N GLY A 288 0.97 12.28 -12.25
CA GLY A 288 0.53 13.59 -11.78
C GLY A 288 0.04 13.53 -10.37
N LEU A 289 -0.17 14.68 -9.75
CA LEU A 289 -0.92 14.71 -8.52
C LEU A 289 -1.73 16.00 -8.31
N ILE A 290 -2.65 15.91 -7.37
CA ILE A 290 -3.43 17.06 -6.93
C ILE A 290 -3.11 17.14 -5.48
N LEU A 291 -2.85 18.35 -5.01
CA LEU A 291 -2.46 18.60 -3.62
C LEU A 291 -3.23 19.78 -3.06
N VAL A 292 -3.64 19.65 -1.79
CA VAL A 292 -4.22 20.72 -1.01
C VAL A 292 -3.62 20.65 0.39
N SER A 293 -3.06 21.76 0.83
CA SER A 293 -2.39 21.77 2.11
C SER A 293 -3.40 22.12 3.16
N ARG A 294 -3.04 21.87 4.42
CA ARG A 294 -3.94 22.21 5.51
C ARG A 294 -4.40 23.68 5.54
N THR A 295 -3.68 24.59 4.86
CA THR A 295 -3.99 26.04 4.91
C THR A 295 -4.88 26.53 3.75
N GLY A 296 -5.12 25.69 2.75
CA GLY A 296 -6.03 26.01 1.66
C GLY A 296 -5.38 26.18 0.30
N GLU A 297 -4.06 26.09 0.26
CA GLU A 297 -3.30 26.21 -0.98
C GLU A 297 -3.28 24.85 -1.71
N TRP A 298 -3.46 24.88 -3.02
CA TRP A 298 -3.57 23.67 -3.83
C TRP A 298 -2.72 23.80 -5.08
N VAL A 299 -2.41 22.69 -5.70
CA VAL A 299 -1.75 22.73 -6.97
C VAL A 299 -2.16 21.46 -7.70
N ALA A 300 -2.20 21.53 -9.03
CA ALA A 300 -2.29 20.33 -9.87
C ALA A 300 -1.01 20.24 -10.68
N LYS A 301 -0.42 19.04 -10.72
CA LYS A 301 0.94 18.88 -11.23
C LYS A 301 1.12 17.55 -11.93
N TRP A 302 1.65 17.57 -13.15
CA TRP A 302 1.93 16.33 -13.89
C TRP A 302 3.26 16.33 -14.67
N THR A 303 3.88 15.15 -14.78
CA THR A 303 5.01 14.94 -15.71
C THR A 303 4.64 14.16 -16.98
N SER A 304 3.39 13.68 -17.04
CA SER A 304 2.81 13.17 -18.29
C SER A 304 2.53 14.35 -19.26
N THR A 305 2.08 14.04 -20.47
CA THR A 305 1.81 15.09 -21.43
C THR A 305 0.64 15.91 -20.93
N SER A 306 -0.41 15.23 -20.46
CA SER A 306 -1.58 15.91 -19.96
C SER A 306 -2.19 15.21 -18.77
N MET A 307 -2.95 15.99 -17.99
CA MET A 307 -3.78 15.47 -16.91
C MET A 307 -4.94 16.42 -16.67
N PRO A 308 -6.18 15.95 -16.94
CA PRO A 308 -7.36 16.75 -16.68
C PRO A 308 -7.54 17.01 -15.22
N TRP A 309 -7.93 18.24 -14.88
CA TRP A 309 -8.11 18.64 -13.51
C TRP A 309 -9.01 19.86 -13.45
N ALA A 310 -9.64 20.05 -12.31
CA ALA A 310 -10.33 21.29 -12.08
C ALA A 310 -10.24 21.55 -10.62
N ALA A 311 -10.27 22.82 -10.24
CA ALA A 311 -10.35 23.18 -8.84
C ALA A 311 -11.44 24.20 -8.66
N VAL A 312 -12.13 24.15 -7.52
CA VAL A 312 -13.02 25.23 -7.11
C VAL A 312 -12.58 25.79 -5.75
N LYS A 313 -12.50 27.10 -5.67
CA LYS A 313 -12.22 27.77 -4.41
C LYS A 313 -12.83 29.15 -4.54
N GLY A 314 -13.52 29.58 -3.48
CA GLY A 314 -14.28 30.80 -3.49
C GLY A 314 -15.38 30.84 -4.54
N GLY A 315 -15.28 31.82 -5.43
CA GLY A 315 -16.26 32.03 -6.48
C GLY A 315 -15.77 31.67 -7.85
N LYS A 316 -14.61 30.99 -7.95
CA LYS A 316 -13.97 30.76 -9.24
C LYS A 316 -13.64 29.28 -9.45
N VAL A 317 -13.67 28.85 -10.72
CA VAL A 317 -13.42 27.48 -11.14
C VAL A 317 -12.22 27.46 -12.07
N HIS A 318 -11.22 26.65 -11.72
CA HIS A 318 -10.02 26.54 -12.54
C HIS A 318 -10.06 25.21 -13.28
N ALA A 319 -9.56 25.14 -14.50
CA ALA A 319 -9.60 23.84 -15.22
C ALA A 319 -8.53 23.75 -16.28
N GLY A 320 -8.18 22.53 -16.67
CA GLY A 320 -7.09 22.33 -17.64
C GLY A 320 -6.85 20.88 -18.01
N ILE A 321 -5.98 20.68 -19.00
CA ILE A 321 -5.52 19.36 -19.43
C ILE A 321 -4.00 19.41 -19.67
N ASP A 322 -3.58 20.38 -20.48
CA ASP A 322 -2.19 20.62 -20.88
C ASP A 322 -1.68 21.90 -20.22
N LEU A 323 -0.39 22.17 -20.36
CA LEU A 323 0.20 23.40 -19.79
C LEU A 323 -0.44 24.73 -20.23
N ASN A 324 -0.80 24.86 -21.51
CA ASN A 324 -1.25 26.17 -22.03
C ASN A 324 -2.78 26.36 -22.11
N ASP A 325 -3.54 25.55 -21.40
CA ASP A 325 -4.98 25.59 -21.54
C ASP A 325 -5.75 25.78 -20.23
N THR A 326 -5.09 26.24 -19.17
CA THR A 326 -5.77 26.58 -17.92
C THR A 326 -6.76 27.73 -18.17
N THR A 327 -8.03 27.51 -17.78
CA THR A 327 -9.05 28.56 -17.80
C THR A 327 -9.58 28.74 -16.39
N VAL A 328 -9.85 30.00 -16.04
CA VAL A 328 -10.41 30.37 -14.76
C VAL A 328 -11.73 31.06 -15.04
N THR A 329 -12.80 30.53 -14.48
CA THR A 329 -14.12 31.04 -14.78
C THR A 329 -14.97 31.15 -13.50
N ASP A 330 -15.86 32.13 -13.46
CA ASP A 330 -16.76 32.37 -12.34
C ASP A 330 -17.60 31.13 -12.06
N LEU A 331 -17.76 30.80 -10.79
CA LEU A 331 -18.53 29.63 -10.41
C LEU A 331 -20.02 29.86 -10.74
N CYS A 332 -20.63 28.79 -11.24
CA CYS A 332 -22.02 28.78 -11.68
C CYS A 332 -22.93 28.38 -10.53
N HIS B 23 32.66 -3.30 -1.08
CA HIS B 23 32.88 -4.68 -0.55
C HIS B 23 32.58 -4.70 0.96
N MET B 24 31.29 -4.83 1.30
CA MET B 24 30.83 -4.54 2.66
C MET B 24 30.58 -5.75 3.54
N GLU B 25 30.42 -5.48 4.83
CA GLU B 25 30.22 -6.50 5.84
C GLU B 25 28.72 -6.83 5.87
N PRO B 26 28.34 -8.05 5.38
CA PRO B 26 26.95 -8.54 5.38
C PRO B 26 26.20 -8.49 6.70
N VAL B 27 24.90 -8.25 6.62
CA VAL B 27 24.01 -8.27 7.79
C VAL B 27 22.67 -8.84 7.40
N LEU B 28 22.08 -9.63 8.28
CA LEU B 28 20.70 -10.05 8.07
C LEU B 28 19.96 -10.02 9.39
N VAL B 29 18.74 -9.53 9.34
CA VAL B 29 17.96 -9.41 10.55
C VAL B 29 16.60 -9.99 10.24
N VAL B 30 16.02 -10.72 11.20
CA VAL B 30 14.71 -11.33 11.05
C VAL B 30 13.83 -10.90 12.22
N HIS B 31 12.52 -10.93 12.02
CA HIS B 31 11.56 -10.76 13.11
C HIS B 31 10.45 -11.78 13.04
N GLY B 32 9.86 -12.09 14.17
CA GLY B 32 8.81 -13.13 14.25
C GLY B 32 7.48 -12.65 14.80
N GLY B 33 7.28 -11.34 14.83
CA GLY B 33 5.95 -10.77 14.97
C GLY B 33 5.61 -10.26 16.35
N GLY B 34 5.24 -8.98 16.43
CA GLY B 34 4.85 -8.34 17.69
C GLY B 34 3.73 -9.13 18.36
N ALA B 35 3.87 -9.41 19.65
CA ALA B 35 2.88 -10.17 20.40
C ALA B 35 2.71 -9.60 21.81
N SER B 36 2.05 -10.37 22.68
CA SER B 36 1.90 -10.03 24.09
C SER B 36 2.75 -11.00 24.94
N CYS B 37 2.12 -11.84 25.76
CA CYS B 37 2.84 -12.87 26.49
C CYS B 37 2.98 -14.11 25.60
N ILE B 38 4.20 -14.63 25.51
CA ILE B 38 4.47 -15.89 24.82
C ILE B 38 4.46 -17.04 25.87
N SER B 39 3.92 -18.19 25.49
CA SER B 39 3.71 -19.35 26.38
C SER B 39 5.03 -19.96 26.95
N CYS B 40 4.99 -21.23 27.34
CA CYS B 40 6.15 -21.87 28.00
C CYS B 40 6.99 -22.71 27.02
N GLU B 41 6.50 -23.91 26.68
CA GLU B 41 7.19 -24.81 25.74
C GLU B 41 7.44 -24.09 24.42
N ARG B 42 6.42 -23.31 24.04
CA ARG B 42 6.41 -22.51 22.81
C ARG B 42 7.60 -21.54 22.69
N ARG B 43 8.09 -21.08 23.83
CA ARG B 43 8.99 -19.93 23.91
C ARG B 43 10.46 -20.21 23.56
N GLN B 44 11.00 -21.36 23.97
CA GLN B 44 12.37 -21.74 23.58
C GLN B 44 12.42 -21.99 22.08
N ARG B 45 11.36 -22.65 21.58
CA ARG B 45 11.19 -22.99 20.18
C ARG B 45 11.05 -21.80 19.24
N VAL B 46 10.46 -20.70 19.74
CA VAL B 46 10.33 -19.47 18.93
C VAL B 46 11.70 -18.86 18.78
N ARG B 47 12.40 -18.74 19.91
CA ARG B 47 13.80 -18.34 19.92
C ARG B 47 14.59 -19.16 18.89
N GLN B 48 14.45 -20.47 18.96
CA GLN B 48 15.14 -21.39 18.05
C GLN B 48 14.84 -21.08 16.58
N GLY B 49 13.59 -20.73 16.28
CA GLY B 49 13.13 -20.47 14.91
C GLY B 49 13.74 -19.27 14.21
N VAL B 50 13.73 -18.14 14.90
CA VAL B 50 14.31 -16.91 14.36
C VAL B 50 15.78 -17.07 14.14
N ILE B 51 16.43 -17.69 15.12
CA ILE B 51 17.85 -17.96 15.03
C ILE B 51 18.12 -18.79 13.76
N ARG B 52 17.37 -19.86 13.58
CA ARG B 52 17.62 -20.74 12.43
C ARG B 52 17.31 -20.03 11.08
N ALA B 53 16.27 -19.21 11.03
CA ALA B 53 15.93 -18.45 9.79
C ALA B 53 16.96 -17.40 9.49
N ALA B 54 17.40 -16.66 10.49
CA ALA B 54 18.44 -15.65 10.23
C ALA B 54 19.81 -16.28 9.94
N SER B 55 20.15 -17.36 10.64
CA SER B 55 21.34 -18.15 10.26
C SER B 55 21.32 -18.49 8.77
N LEU B 56 20.24 -19.10 8.34
CA LEU B 56 20.10 -19.50 6.94
C LEU B 56 20.28 -18.30 6.00
N GLY B 57 19.53 -17.24 6.23
CA GLY B 57 19.59 -16.08 5.34
C GLY B 57 20.97 -15.50 5.30
N HIS B 58 21.67 -15.54 6.43
CA HIS B 58 23.06 -15.05 6.46
C HIS B 58 23.97 -15.97 5.65
N GLY B 59 23.88 -17.27 5.88
CA GLY B 59 24.56 -18.26 5.02
C GLY B 59 24.35 -17.99 3.53
N VAL B 60 23.18 -17.47 3.17
CA VAL B 60 22.98 -17.09 1.76
C VAL B 60 23.93 -15.96 1.40
N LEU B 61 23.99 -14.94 2.26
CA LEU B 61 24.87 -13.80 2.01
C LEU B 61 26.35 -14.21 2.06
N ARG B 62 26.85 -14.78 3.15
CA ARG B 62 28.26 -15.28 3.13
C ARG B 62 28.63 -15.97 1.80
N ALA B 63 27.71 -16.80 1.28
CA ALA B 63 27.94 -17.53 0.04
C ALA B 63 27.93 -16.67 -1.22
N GLY B 64 27.58 -15.39 -1.09
CA GLY B 64 27.67 -14.43 -2.20
C GLY B 64 26.34 -14.12 -2.87
N GLY B 65 25.24 -14.64 -2.30
CA GLY B 65 23.93 -14.37 -2.86
C GLY B 65 23.46 -12.97 -2.53
N SER B 66 22.41 -12.52 -3.23
CA SER B 66 21.87 -11.17 -3.07
C SER B 66 21.07 -10.98 -1.78
N ALA B 67 20.82 -9.70 -1.46
CA ALA B 67 19.97 -9.30 -0.33
C ALA B 67 18.60 -9.90 -0.49
N VAL B 68 18.08 -9.77 -1.70
CA VAL B 68 16.77 -10.32 -2.00
C VAL B 68 16.73 -11.83 -1.74
N ASP B 69 17.75 -12.58 -2.19
CA ASP B 69 17.84 -14.04 -1.94
C ASP B 69 17.80 -14.36 -0.47
N ALA B 70 18.59 -13.66 0.31
CA ALA B 70 18.62 -13.89 1.74
C ALA B 70 17.29 -13.69 2.43
N VAL B 71 16.63 -12.54 2.23
CA VAL B 71 15.32 -12.31 2.86
C VAL B 71 14.22 -13.30 2.45
N GLU B 72 14.15 -13.63 1.17
CA GLU B 72 13.21 -14.65 0.73
C GLU B 72 13.47 -15.96 1.50
N ALA B 73 14.73 -16.36 1.63
CA ALA B 73 15.06 -17.62 2.30
C ALA B 73 14.67 -17.61 3.78
N ALA B 74 15.09 -16.57 4.47
CA ALA B 74 14.72 -16.38 5.86
C ALA B 74 13.19 -16.44 6.07
N VAL B 75 12.45 -15.57 5.37
CA VAL B 75 10.96 -15.54 5.47
C VAL B 75 10.31 -16.83 5.02
N ALA B 76 10.88 -17.48 4.02
CA ALA B 76 10.37 -18.79 3.60
C ALA B 76 10.49 -19.83 4.73
N ALA B 77 11.64 -19.90 5.41
CA ALA B 77 11.76 -20.82 6.56
C ALA B 77 10.78 -20.43 7.67
N LEU B 78 10.66 -19.14 7.97
CA LEU B 78 9.71 -18.77 9.03
C LEU B 78 8.27 -19.00 8.57
N GLU B 79 8.05 -19.05 7.26
CA GLU B 79 6.72 -19.48 6.75
C GLU B 79 6.49 -20.95 7.06
N ASP B 80 7.45 -21.81 6.70
CA ASP B 80 7.33 -23.28 6.89
C ASP B 80 7.26 -23.71 8.33
N ASP B 81 7.80 -22.86 9.20
CA ASP B 81 7.78 -23.06 10.64
C ASP B 81 6.39 -22.75 11.19
N ALA B 82 5.79 -23.74 11.86
CA ALA B 82 4.40 -23.66 12.30
C ALA B 82 4.21 -22.81 13.54
N GLU B 83 5.30 -22.37 14.18
CA GLU B 83 5.15 -21.49 15.33
C GLU B 83 4.83 -20.07 14.92
N PHE B 84 5.13 -19.72 13.66
CA PHE B 84 4.97 -18.35 13.21
C PHE B 84 3.75 -18.15 12.32
N ASN B 85 3.14 -16.96 12.46
CA ASN B 85 1.93 -16.55 11.71
C ASN B 85 2.30 -16.07 10.30
N ALA B 86 2.66 -17.04 9.46
CA ALA B 86 2.94 -16.84 8.04
C ALA B 86 2.97 -18.24 7.42
N GLY B 87 2.59 -18.43 6.16
CA GLY B 87 2.67 -19.80 5.59
C GLY B 87 1.96 -20.78 6.53
N HIS B 88 2.55 -21.94 6.74
CA HIS B 88 2.06 -22.89 7.77
C HIS B 88 2.22 -22.27 9.14
N GLY B 89 1.15 -22.29 9.93
CA GLY B 89 1.10 -21.52 11.19
C GLY B 89 0.26 -20.27 11.17
N SER B 90 -0.25 -19.91 9.99
CA SER B 90 -1.02 -18.68 9.78
C SER B 90 -2.32 -18.68 10.57
N VAL B 91 -2.69 -17.54 11.19
CA VAL B 91 -4.02 -17.42 11.84
C VAL B 91 -5.16 -17.64 10.83
N LEU B 92 -6.39 -17.70 11.35
CA LEU B 92 -7.56 -17.97 10.53
C LEU B 92 -8.49 -16.77 10.37
N THR B 93 -9.19 -16.69 9.24
CA THR B 93 -10.22 -15.69 9.03
C THR B 93 -11.47 -16.09 9.78
N GLU B 94 -12.45 -15.18 9.87
CA GLU B 94 -13.80 -15.51 10.34
C GLU B 94 -14.43 -16.77 9.71
N ASN B 95 -13.95 -17.18 8.54
CA ASN B 95 -14.34 -18.48 7.92
C ASN B 95 -13.56 -19.69 8.47
N GLY B 96 -12.57 -19.46 9.31
CA GLY B 96 -11.68 -20.57 9.76
C GLY B 96 -10.76 -20.99 8.61
N ASP B 97 -10.28 -19.98 7.88
CA ASP B 97 -9.64 -20.16 6.60
C ASP B 97 -8.33 -19.43 6.59
N VAL B 98 -7.36 -19.88 5.80
CA VAL B 98 -6.09 -19.19 5.77
C VAL B 98 -5.92 -18.30 4.55
N GLU B 99 -5.76 -17.00 4.81
CA GLU B 99 -5.48 -16.03 3.75
C GLU B 99 -4.26 -15.25 4.15
N MET B 100 -3.27 -15.27 3.23
CA MET B 100 -1.95 -14.79 3.53
C MET B 100 -1.58 -13.65 2.58
N ASP B 101 -0.75 -12.76 3.09
CA ASP B 101 -0.23 -11.63 2.39
C ASP B 101 1.28 -11.68 2.54
N ALA B 102 2.03 -11.11 1.59
CA ALA B 102 3.46 -11.02 1.71
C ALA B 102 4.01 -10.07 0.65
N SER B 103 5.18 -9.47 0.90
CA SER B 103 5.79 -8.53 -0.07
C SER B 103 7.29 -8.60 0.05
N ILE B 104 7.97 -8.33 -1.05
CA ILE B 104 9.40 -8.32 -1.08
C ILE B 104 9.80 -7.11 -1.90
N MET B 105 10.92 -6.46 -1.55
CA MET B 105 11.43 -5.31 -2.32
C MET B 105 12.96 -5.36 -2.43
N ASP B 106 13.47 -4.80 -3.53
CA ASP B 106 14.89 -4.73 -3.84
C ASP B 106 15.36 -3.29 -3.74
N GLY B 107 16.34 -3.07 -2.88
CA GLY B 107 16.86 -1.72 -2.65
C GLY B 107 17.52 -1.07 -3.84
N ARG B 108 17.97 -1.87 -4.81
CA ARG B 108 18.84 -1.32 -5.83
C ARG B 108 18.06 -0.44 -6.76
N ASP B 109 17.01 -1.01 -7.32
CA ASP B 109 16.26 -0.42 -8.38
C ASP B 109 14.80 -0.21 -7.94
N LEU B 110 14.49 -0.51 -6.67
CA LEU B 110 13.14 -0.39 -6.11
C LEU B 110 12.11 -1.45 -6.61
N GLY B 111 12.60 -2.57 -7.13
CA GLY B 111 11.76 -3.67 -7.60
C GLY B 111 10.90 -4.14 -6.46
N ALA B 112 9.67 -4.58 -6.76
CA ALA B 112 8.84 -5.03 -5.67
C ALA B 112 7.84 -6.11 -6.09
N GLY B 113 7.39 -6.86 -5.09
CA GLY B 113 6.50 -7.94 -5.37
C GLY B 113 5.66 -8.19 -4.18
N ALA B 114 4.39 -8.48 -4.38
CA ALA B 114 3.52 -8.62 -3.27
C ALA B 114 2.31 -9.42 -3.68
N VAL B 115 1.75 -10.16 -2.72
CA VAL B 115 0.51 -10.91 -2.93
C VAL B 115 -0.37 -10.76 -1.71
N SER B 116 -1.68 -10.64 -1.96
CA SER B 116 -2.69 -10.51 -0.90
C SER B 116 -3.76 -11.59 -1.03
N ALA B 117 -4.30 -12.00 0.13
CA ALA B 117 -5.43 -12.93 0.22
C ALA B 117 -5.25 -14.15 -0.67
N VAL B 118 -4.10 -14.80 -0.52
CA VAL B 118 -3.74 -15.98 -1.26
C VAL B 118 -4.12 -17.21 -0.42
N ARG B 119 -4.77 -18.18 -1.07
CA ARG B 119 -5.23 -19.39 -0.42
C ARG B 119 -4.39 -20.55 -0.95
N CYS B 120 -4.07 -21.50 -0.07
CA CYS B 120 -3.55 -22.81 -0.49
C CYS B 120 -2.19 -22.77 -1.17
N ILE B 121 -1.32 -21.85 -0.74
CA ILE B 121 0.04 -21.66 -1.26
C ILE B 121 0.95 -21.72 -0.05
N ALA B 122 1.92 -22.63 -0.04
CA ALA B 122 2.72 -22.86 1.15
C ALA B 122 3.74 -21.75 1.40
N ASN B 123 4.21 -21.08 0.32
CA ASN B 123 5.23 -20.03 0.45
C ASN B 123 4.91 -18.72 -0.30
N PRO B 124 4.05 -17.87 0.27
CA PRO B 124 3.70 -16.63 -0.41
C PRO B 124 4.89 -15.72 -0.75
N ILE B 125 5.96 -15.79 0.03
CA ILE B 125 7.03 -14.85 -0.18
C ILE B 125 7.67 -15.18 -1.52
N LYS B 126 7.63 -16.47 -1.87
CA LYS B 126 8.22 -16.95 -3.12
C LYS B 126 7.41 -16.52 -4.28
N LEU B 127 6.10 -16.73 -4.22
CA LEU B 127 5.16 -16.18 -5.19
C LEU B 127 5.31 -14.70 -5.38
N ALA B 128 5.62 -14.00 -4.30
CA ALA B 128 5.73 -12.53 -4.32
C ALA B 128 7.00 -12.18 -5.04
N ARG B 129 8.06 -12.92 -4.75
CA ARG B 129 9.27 -12.61 -5.47
C ARG B 129 9.11 -12.94 -6.93
N LEU B 130 8.34 -13.97 -7.23
CA LEU B 130 8.02 -14.23 -8.65
C LEU B 130 7.23 -13.08 -9.27
N VAL B 131 6.38 -12.44 -8.49
CA VAL B 131 5.65 -11.27 -9.02
C VAL B 131 6.63 -10.19 -9.39
N MET B 132 7.70 -10.09 -8.62
CA MET B 132 8.74 -9.09 -8.86
C MET B 132 9.56 -9.35 -10.09
N ASP B 133 10.06 -10.56 -10.22
CA ASP B 133 11.02 -10.87 -11.29
C ASP B 133 10.32 -11.13 -12.62
N LYS B 134 9.11 -11.67 -12.62
CA LYS B 134 8.50 -12.30 -13.80
C LYS B 134 7.24 -11.64 -14.35
N THR B 135 6.82 -10.51 -13.81
CA THR B 135 5.63 -9.82 -14.34
C THR B 135 5.96 -8.36 -14.36
N PRO B 136 5.25 -7.57 -15.19
CA PRO B 136 5.55 -6.14 -15.19
C PRO B 136 4.80 -5.41 -14.08
N HIS B 137 4.24 -6.17 -13.13
CA HIS B 137 3.54 -5.60 -12.00
C HIS B 137 4.19 -5.87 -10.66
N CYS B 138 3.71 -5.19 -9.63
CA CYS B 138 4.26 -5.36 -8.29
C CYS B 138 3.32 -5.95 -7.32
N PHE B 139 2.03 -6.10 -7.63
CA PHE B 139 1.06 -6.56 -6.61
C PHE B 139 -0.09 -7.33 -7.28
N LEU B 140 -0.27 -8.58 -6.86
CA LEU B 140 -1.37 -9.42 -7.35
C LEU B 140 -2.19 -9.92 -6.18
N THR B 141 -3.50 -10.08 -6.36
CA THR B 141 -4.39 -10.44 -5.24
C THR B 141 -5.29 -11.62 -5.59
N GLY B 142 -5.66 -12.39 -4.57
CA GLY B 142 -6.71 -13.36 -4.72
C GLY B 142 -6.55 -14.43 -5.80
N GLN B 143 -7.57 -14.49 -6.64
CA GLN B 143 -7.67 -15.50 -7.68
C GLN B 143 -6.68 -15.24 -8.79
N GLY B 144 -6.28 -13.98 -8.94
CA GLY B 144 -5.29 -13.60 -9.96
C GLY B 144 -3.89 -14.05 -9.57
N ALA B 145 -3.59 -13.99 -8.28
CA ALA B 145 -2.30 -14.44 -7.75
C ALA B 145 -2.28 -15.97 -7.73
N ALA B 146 -3.37 -16.61 -7.32
CA ALA B 146 -3.61 -18.06 -7.57
C ALA B 146 -3.34 -18.47 -9.04
N LYS B 147 -4.05 -17.88 -10.01
CA LYS B 147 -3.76 -18.22 -11.44
C LYS B 147 -2.30 -18.05 -11.82
N PHE B 148 -1.65 -17.10 -11.17
CA PHE B 148 -0.27 -16.84 -11.48
C PHE B 148 0.66 -17.88 -10.89
N ALA B 149 0.34 -18.31 -9.69
CA ALA B 149 1.03 -19.39 -9.07
C ALA B 149 1.03 -20.59 -10.02
N ALA B 150 -0.06 -20.82 -10.76
CA ALA B 150 -0.17 -22.00 -11.65
C ALA B 150 0.73 -21.80 -12.83
N ASP B 151 0.56 -20.67 -13.49
CA ASP B 151 1.48 -20.25 -14.53
C ASP B 151 2.96 -20.46 -14.12
N MET B 152 3.29 -20.18 -12.86
CA MET B 152 4.66 -20.33 -12.38
C MET B 152 4.99 -21.75 -12.03
N GLY B 153 4.01 -22.64 -12.12
CA GLY B 153 4.23 -24.05 -11.85
C GLY B 153 4.26 -24.37 -10.38
N ILE B 154 3.51 -23.59 -9.57
CA ILE B 154 3.39 -23.82 -8.12
C ILE B 154 2.08 -24.48 -7.82
N SER B 155 2.15 -25.54 -7.01
N SER B 155 2.10 -25.62 -7.13
CA SER B 155 1.02 -26.39 -6.65
CA SER B 155 0.85 -26.34 -6.87
C SER B 155 0.25 -25.69 -5.56
C SER B 155 0.26 -25.92 -5.55
N GLU B 156 -1.06 -25.94 -5.48
CA GLU B 156 -1.83 -25.51 -4.33
C GLU B 156 -1.81 -26.68 -3.39
N ILE B 157 -1.86 -26.39 -2.10
CA ILE B 157 -1.91 -27.41 -1.10
C ILE B 157 -3.31 -27.38 -0.48
N PRO B 158 -3.78 -28.51 0.06
CA PRO B 158 -5.02 -28.46 0.82
C PRO B 158 -4.91 -27.47 1.98
N GLY B 159 -5.87 -26.56 2.11
CA GLY B 159 -5.76 -25.45 3.09
C GLY B 159 -5.67 -25.89 4.54
N GLU B 160 -6.33 -26.99 4.88
CA GLU B 160 -6.15 -27.70 6.16
C GLU B 160 -4.68 -27.95 6.58
N GLN B 161 -3.79 -28.11 5.60
CA GLN B 161 -2.37 -28.29 5.90
C GLN B 161 -1.73 -27.11 6.63
N LEU B 162 -2.26 -25.91 6.40
CA LEU B 162 -1.69 -24.73 7.00
C LEU B 162 -2.29 -24.47 8.36
N VAL B 163 -3.36 -25.19 8.69
CA VAL B 163 -4.07 -24.99 9.95
C VAL B 163 -3.43 -25.86 11.05
N THR B 164 -2.97 -25.20 12.11
CA THR B 164 -2.56 -25.84 13.36
C THR B 164 -3.71 -25.74 14.35
N GLU B 165 -3.79 -26.70 15.27
CA GLU B 165 -4.89 -26.76 16.26
C GLU B 165 -4.92 -25.60 17.25
N ARG B 166 -3.79 -24.92 17.39
CA ARG B 166 -3.70 -23.78 18.29
C ARG B 166 -4.48 -22.60 17.72
N ASN B 167 -4.42 -22.46 16.39
CA ASN B 167 -5.12 -21.37 15.72
C ASN B 167 -6.63 -21.55 15.68
N ARG B 168 -7.11 -22.80 15.67
CA ARG B 168 -8.56 -23.06 15.74
C ARG B 168 -9.09 -22.58 17.11
N LYS B 169 -8.31 -22.83 18.16
CA LYS B 169 -8.67 -22.38 19.50
C LYS B 169 -8.53 -20.88 19.68
N ARG B 170 -7.53 -20.26 19.06
CA ARG B 170 -7.48 -18.80 18.99
C ARG B 170 -8.80 -18.27 18.36
N LEU B 171 -9.17 -18.78 17.18
CA LEU B 171 -10.37 -18.30 16.46
C LEU B 171 -11.67 -18.66 17.18
N GLU B 172 -11.69 -19.80 17.85
CA GLU B 172 -12.81 -20.13 18.75
C GLU B 172 -12.97 -19.09 19.86
N LYS B 173 -11.87 -18.70 20.49
CA LYS B 173 -11.88 -17.71 21.60
C LYS B 173 -12.27 -16.33 21.13
N GLU B 174 -11.61 -15.87 20.06
CA GLU B 174 -11.85 -14.55 19.47
C GLU B 174 -13.31 -14.35 19.00
N ARG B 175 -14.04 -15.45 18.85
CA ARG B 175 -15.44 -15.39 18.46
C ARG B 175 -16.32 -15.51 19.70
N GLN B 176 -16.05 -16.51 20.54
CA GLN B 176 -16.74 -16.71 21.83
C GLN B 176 -16.70 -15.46 22.74
N GLU B 177 -15.53 -14.84 22.87
CA GLU B 177 -15.33 -13.76 23.84
C GLU B 177 -14.37 -12.68 23.33
N LYS B 178 -14.73 -11.41 23.59
CA LYS B 178 -14.00 -10.21 23.14
C LYS B 178 -14.63 -9.61 21.88
N THR B 191 3.39 -12.49 12.09
CA THR B 191 4.11 -11.87 10.99
C THR B 191 5.61 -12.12 11.13
N VAL B 192 6.25 -12.41 10.01
CA VAL B 192 7.69 -12.66 9.97
C VAL B 192 8.30 -11.70 8.95
N GLY B 193 9.57 -11.35 9.11
CA GLY B 193 10.20 -10.50 8.11
C GLY B 193 11.68 -10.56 8.25
N ALA B 194 12.39 -10.15 7.22
CA ALA B 194 13.83 -10.06 7.34
C ALA B 194 14.23 -8.85 6.56
N VAL B 195 15.45 -8.39 6.82
CA VAL B 195 16.04 -7.29 6.08
C VAL B 195 17.50 -7.64 5.96
N ALA B 196 18.14 -7.26 4.87
CA ALA B 196 19.50 -7.68 4.64
C ALA B 196 20.30 -6.62 3.97
N LEU B 197 21.57 -6.52 4.37
CA LEU B 197 22.59 -5.86 3.60
C LEU B 197 23.48 -6.97 3.07
N ASP B 198 23.67 -7.05 1.75
CA ASP B 198 24.63 -7.99 1.17
C ASP B 198 26.04 -7.39 0.94
N CYS B 199 26.95 -8.24 0.49
CA CYS B 199 28.37 -7.91 0.34
C CYS B 199 28.65 -6.79 -0.65
N LYS B 200 27.77 -6.60 -1.62
CA LYS B 200 27.86 -5.49 -2.57
C LYS B 200 27.13 -4.25 -2.06
N GLY B 201 26.51 -4.36 -0.90
CA GLY B 201 25.87 -3.19 -0.26
C GLY B 201 24.39 -3.05 -0.51
N ASN B 202 23.84 -3.77 -1.49
CA ASN B 202 22.38 -3.83 -1.70
C ASN B 202 21.56 -4.22 -0.48
N VAL B 203 20.36 -3.62 -0.32
CA VAL B 203 19.43 -3.99 0.78
C VAL B 203 18.05 -4.43 0.25
N ALA B 204 17.26 -5.08 1.09
CA ALA B 204 16.03 -5.68 0.64
C ALA B 204 15.27 -6.02 1.89
N TYR B 205 13.96 -6.20 1.78
CA TYR B 205 13.19 -6.68 2.93
C TYR B 205 12.21 -7.68 2.41
N ALA B 206 11.58 -8.41 3.33
CA ALA B 206 10.57 -9.40 3.03
C ALA B 206 9.65 -9.46 4.22
N THR B 207 8.33 -9.51 3.98
CA THR B 207 7.37 -9.67 5.07
C THR B 207 6.32 -10.65 4.63
N SER B 208 5.79 -11.42 5.56
CA SER B 208 4.83 -12.45 5.20
C SER B 208 3.92 -12.69 6.36
N THR B 209 2.61 -12.70 6.12
CA THR B 209 1.71 -12.86 7.25
C THR B 209 0.46 -13.73 7.02
N GLY B 210 -0.15 -14.15 8.12
CA GLY B 210 -1.46 -14.77 8.06
C GLY B 210 -2.54 -13.74 8.36
N GLY B 211 -2.10 -12.56 8.80
CA GLY B 211 -2.99 -11.46 9.10
C GLY B 211 -3.24 -11.39 10.58
N ILE B 212 -4.43 -10.87 10.93
CA ILE B 212 -4.88 -10.80 12.32
C ILE B 212 -6.06 -11.78 12.49
N VAL B 213 -6.12 -12.48 13.62
CA VAL B 213 -7.09 -13.58 13.78
C VAL B 213 -8.54 -13.10 13.72
N ASN B 214 -9.34 -13.77 12.87
CA ASN B 214 -10.75 -13.47 12.68
C ASN B 214 -10.98 -12.27 11.78
N LYS B 215 -10.09 -12.08 10.81
CA LYS B 215 -10.24 -11.00 9.87
C LYS B 215 -11.41 -11.35 8.99
N MET B 216 -12.06 -10.31 8.44
CA MET B 216 -13.07 -10.49 7.43
C MET B 216 -12.35 -11.11 6.26
N THR B 217 -13.11 -11.72 5.37
CA THR B 217 -12.61 -12.37 4.17
C THR B 217 -12.09 -11.31 3.20
N GLY B 218 -10.91 -11.56 2.60
CA GLY B 218 -10.29 -10.65 1.67
C GLY B 218 -9.86 -9.35 2.35
N ARG B 219 -9.63 -9.42 3.66
CA ARG B 219 -9.00 -8.31 4.37
C ARG B 219 -7.51 -8.28 4.06
N VAL B 220 -6.99 -7.10 3.73
CA VAL B 220 -5.60 -6.91 3.47
C VAL B 220 -4.96 -6.02 4.53
N GLY B 221 -3.85 -6.47 5.11
CA GLY B 221 -3.14 -5.69 6.10
C GLY B 221 -2.05 -4.92 5.45
N ASP B 222 -1.09 -4.52 6.27
CA ASP B 222 0.08 -3.79 5.83
C ASP B 222 1.15 -4.63 5.14
N SER B 223 1.25 -5.91 5.50
CA SER B 223 2.38 -6.76 5.01
C SER B 223 2.59 -6.85 3.49
N PRO B 224 1.51 -6.80 2.67
CA PRO B 224 1.76 -6.80 1.22
C PRO B 224 1.96 -5.40 0.66
N CYS B 225 1.93 -4.39 1.52
CA CYS B 225 1.91 -3.02 1.05
C CYS B 225 3.23 -2.32 1.19
N ILE B 226 3.77 -1.94 0.03
CA ILE B 226 5.03 -1.29 -0.06
C ILE B 226 4.95 0.04 0.70
N GLY B 227 5.89 0.20 1.63
CA GLY B 227 6.02 1.40 2.44
C GLY B 227 5.41 1.27 3.81
N SER B 228 4.54 0.28 3.96
CA SER B 228 3.89 0.00 5.22
C SER B 228 4.46 -1.31 5.82
N GLY B 229 4.25 -2.43 5.15
CA GLY B 229 4.83 -3.70 5.61
C GLY B 229 6.35 -3.81 5.48
N GLY B 230 6.94 -2.96 4.65
CA GLY B 230 8.38 -2.78 4.65
C GLY B 230 8.78 -1.84 3.51
N TYR B 231 10.07 -1.54 3.44
CA TYR B 231 10.60 -0.71 2.38
C TYR B 231 12.09 -0.96 2.26
N ALA B 232 12.63 -0.74 1.06
CA ALA B 232 14.00 -1.01 0.76
C ALA B 232 14.47 -0.05 -0.32
N ASP B 233 15.58 0.61 -0.05
CA ASP B 233 16.16 1.55 -0.98
C ASP B 233 17.65 1.63 -0.63
N ASN B 234 18.52 1.30 -1.58
CA ASN B 234 19.98 1.30 -1.32
C ASN B 234 20.51 2.65 -0.82
N SER B 235 19.79 3.75 -1.11
CA SER B 235 20.19 5.08 -0.64
C SER B 235 19.87 5.33 0.85
N ILE B 236 19.22 4.39 1.55
CA ILE B 236 18.85 4.58 2.95
C ILE B 236 18.99 3.25 3.73
N GLY B 237 18.20 2.25 3.34
CA GLY B 237 18.11 1.06 4.13
C GLY B 237 16.81 0.34 3.92
N ALA B 238 16.53 -0.60 4.81
CA ALA B 238 15.44 -1.50 4.61
C ALA B 238 14.73 -1.79 5.90
N VAL B 239 13.41 -1.80 5.86
CA VAL B 239 12.64 -2.08 7.08
C VAL B 239 11.64 -3.18 6.83
N SER B 240 11.37 -3.98 7.85
CA SER B 240 10.22 -4.87 7.85
C SER B 240 9.47 -4.63 9.13
N THR B 241 8.15 -4.51 9.03
CA THR B 241 7.37 -4.13 10.19
C THR B 241 6.42 -5.23 10.57
N THR B 242 5.98 -5.21 11.83
CA THR B 242 4.89 -6.07 12.34
C THR B 242 4.03 -5.30 13.33
N GLY B 243 2.85 -5.85 13.67
CA GLY B 243 1.90 -5.19 14.59
C GLY B 243 0.50 -4.98 14.02
N HIS B 244 -0.30 -4.13 14.69
CA HIS B 244 -1.64 -3.75 14.19
C HIS B 244 -1.60 -3.16 12.78
N GLY B 245 -2.02 -3.95 11.80
CA GLY B 245 -1.81 -3.61 10.40
C GLY B 245 -2.45 -2.34 9.90
N GLU B 246 -3.62 -2.00 10.42
CA GLU B 246 -4.36 -0.85 9.94
C GLU B 246 -3.60 0.40 10.27
N SER B 247 -3.09 0.47 11.47
CA SER B 247 -2.20 1.54 11.91
C SER B 247 -0.93 1.67 11.09
N ILE B 248 -0.25 0.54 10.86
CA ILE B 248 0.98 0.52 10.02
C ILE B 248 0.67 1.12 8.68
N LEU B 249 -0.40 0.65 8.05
CA LEU B 249 -0.88 1.27 6.81
C LEU B 249 -1.02 2.78 6.88
N LYS B 250 -1.74 3.28 7.88
CA LYS B 250 -2.07 4.69 7.94
C LYS B 250 -0.89 5.64 8.14
N VAL B 251 0.15 5.20 8.84
CA VAL B 251 1.38 6.01 8.95
C VAL B 251 2.51 5.64 7.98
N ASN B 252 2.25 4.70 7.08
CA ASN B 252 3.31 4.18 6.21
C ASN B 252 4.55 3.88 7.02
N LEU B 253 4.42 2.92 7.95
CA LEU B 253 5.38 2.78 9.04
C LEU B 253 6.79 2.53 8.57
N ALA B 254 6.96 1.58 7.66
CA ALA B 254 8.28 1.29 7.10
C ALA B 254 8.93 2.44 6.34
N ARG B 255 8.16 3.18 5.53
CA ARG B 255 8.75 4.37 4.87
C ARG B 255 9.08 5.48 5.89
N LEU B 256 8.48 5.40 7.07
CA LEU B 256 8.54 6.47 8.05
C LEU B 256 9.80 6.33 8.91
N ALA B 257 10.13 5.10 9.32
CA ALA B 257 11.43 4.84 9.98
C ALA B 257 12.53 5.38 9.11
N LEU B 258 12.47 5.03 7.84
CA LEU B 258 13.44 5.50 6.87
C LEU B 258 13.40 7.01 6.60
N PHE B 259 12.21 7.65 6.59
CA PHE B 259 12.14 9.13 6.52
CA PHE B 259 12.20 9.10 6.47
C PHE B 259 12.98 9.72 7.63
N HIS B 260 12.76 9.23 8.84
CA HIS B 260 13.52 9.72 9.99
C HIS B 260 15.03 9.45 9.86
N LEU B 261 15.39 8.32 9.27
CA LEU B 261 16.81 7.97 9.10
C LEU B 261 17.49 8.72 7.95
N GLU B 262 16.74 9.11 6.93
CA GLU B 262 17.37 9.82 5.82
C GLU B 262 17.66 11.30 6.15
N GLN B 263 17.19 11.78 7.31
CA GLN B 263 17.36 13.19 7.69
C GLN B 263 18.67 13.54 8.42
N GLY B 264 19.71 12.73 8.23
CA GLY B 264 21.10 13.19 8.45
C GLY B 264 21.83 12.74 9.71
N GLY B 265 21.27 13.05 10.87
CA GLY B 265 21.98 12.88 12.14
C GLY B 265 21.25 12.06 13.18
N LYS B 266 20.62 10.97 12.72
CA LYS B 266 19.88 10.08 13.60
C LYS B 266 20.42 8.66 13.43
N THR B 267 20.28 7.86 14.48
CA THR B 267 20.65 6.46 14.43
C THR B 267 19.47 5.65 13.95
N VAL B 268 19.76 4.45 13.42
CA VAL B 268 18.72 3.53 13.06
C VAL B 268 17.82 3.36 14.28
N ASP B 269 18.44 3.21 15.45
CA ASP B 269 17.69 3.04 16.70
C ASP B 269 16.75 4.23 16.99
N GLU B 270 17.23 5.45 16.79
CA GLU B 270 16.38 6.63 16.99
C GLU B 270 15.21 6.61 16.01
N ALA B 271 15.52 6.42 14.72
CA ALA B 271 14.55 6.50 13.65
C ALA B 271 13.42 5.49 13.84
N ALA B 272 13.80 4.28 14.21
CA ALA B 272 12.85 3.24 14.61
C ALA B 272 11.88 3.71 15.68
N ASP B 273 12.40 4.35 16.71
CA ASP B 273 11.59 4.75 17.86
C ASP B 273 10.68 5.94 17.56
N LEU B 274 11.09 6.79 16.63
CA LEU B 274 10.28 7.97 16.29
C LEU B 274 9.09 7.53 15.45
N ALA B 275 9.38 6.71 14.44
CA ALA B 275 8.38 6.01 13.67
C ALA B 275 7.35 5.33 14.57
N LEU B 276 7.84 4.45 15.44
CA LEU B 276 6.97 3.64 16.33
C LEU B 276 6.29 4.49 17.38
N GLY B 277 6.94 5.60 17.77
CA GLY B 277 6.39 6.55 18.71
C GLY B 277 5.18 7.21 18.08
N TYR B 278 5.36 7.70 16.86
CA TYR B 278 4.27 8.32 16.13
C TYR B 278 3.08 7.39 15.94
N MET B 279 3.29 6.08 15.83
CA MET B 279 2.16 5.17 15.68
C MET B 279 1.41 4.95 16.99
N LYS B 280 2.15 4.70 18.05
CA LYS B 280 1.56 4.53 19.37
C LYS B 280 0.77 5.77 19.79
N SER B 281 1.41 6.93 19.75
CA SER B 281 0.84 8.16 20.29
C SER B 281 -0.27 8.72 19.42
N ARG B 282 -0.10 8.65 18.10
CA ARG B 282 -1.14 9.11 17.18
C ARG B 282 -2.32 8.15 17.10
N LEU B 283 -2.08 6.84 17.17
CA LEU B 283 -3.16 5.88 16.91
C LEU B 283 -3.42 4.81 17.95
N LYS B 284 -2.65 4.77 19.04
CA LYS B 284 -2.68 3.65 20.02
C LYS B 284 -2.32 2.32 19.34
N GLY B 285 -1.39 2.40 18.38
CA GLY B 285 -1.01 1.28 17.53
C GLY B 285 0.34 0.72 17.92
N LEU B 286 0.35 -0.55 18.34
CA LEU B 286 1.56 -1.16 18.79
C LEU B 286 2.12 -2.06 17.72
N GLY B 287 3.39 -2.35 17.86
CA GLY B 287 4.06 -3.28 16.96
C GLY B 287 5.55 -3.10 16.99
N GLY B 288 6.18 -3.38 15.86
CA GLY B 288 7.59 -3.47 15.78
C GLY B 288 8.15 -3.40 14.39
N LEU B 289 9.44 -3.19 14.33
CA LEU B 289 10.09 -3.28 13.06
C LEU B 289 11.49 -3.67 13.28
N ILE B 290 12.14 -4.01 12.16
CA ILE B 290 13.56 -4.28 12.11
C ILE B 290 14.12 -3.39 11.00
N LEU B 291 15.26 -2.75 11.27
CA LEU B 291 15.84 -1.77 10.35
C LEU B 291 17.35 -1.99 10.14
N VAL B 292 17.77 -1.99 8.89
CA VAL B 292 19.18 -2.00 8.56
C VAL B 292 19.46 -0.85 7.62
N SER B 293 20.54 -0.12 7.91
CA SER B 293 20.91 1.06 7.13
C SER B 293 21.85 0.74 5.97
N ARG B 294 21.96 1.72 5.09
CA ARG B 294 22.95 1.77 4.02
C ARG B 294 24.37 1.27 4.46
N THR B 295 24.73 1.52 5.73
CA THR B 295 26.09 1.39 6.28
C THR B 295 26.32 0.12 7.10
N GLY B 296 25.25 -0.58 7.43
CA GLY B 296 25.34 -1.87 8.10
C GLY B 296 24.75 -1.88 9.48
N GLU B 297 24.33 -0.71 9.94
CA GLU B 297 23.75 -0.57 11.26
C GLU B 297 22.41 -1.27 11.35
N TRP B 298 22.06 -1.83 12.50
CA TRP B 298 20.80 -2.54 12.60
C TRP B 298 20.18 -2.43 13.97
N VAL B 299 18.86 -2.56 14.02
CA VAL B 299 18.14 -2.51 15.27
C VAL B 299 16.88 -3.35 15.15
N ALA B 300 16.34 -3.77 16.28
CA ALA B 300 15.03 -4.35 16.34
C ALA B 300 14.32 -3.69 17.50
N LYS B 301 13.29 -2.86 17.20
CA LYS B 301 12.51 -2.18 18.23
C LYS B 301 11.06 -2.60 18.22
N TRP B 302 10.47 -2.58 19.41
CA TRP B 302 9.07 -2.83 19.51
C TRP B 302 8.43 -2.03 20.64
N THR B 303 7.15 -1.80 20.45
CA THR B 303 6.31 -1.03 21.34
C THR B 303 5.30 -1.95 22.02
N SER B 304 4.97 -3.07 21.36
CA SER B 304 4.15 -4.11 21.96
C SER B 304 4.96 -4.92 23.02
N THR B 305 4.34 -5.87 23.69
CA THR B 305 4.98 -6.56 24.81
C THR B 305 6.27 -7.28 24.44
N SER B 306 6.28 -7.86 23.24
CA SER B 306 7.44 -8.57 22.74
C SER B 306 7.45 -8.70 21.21
N MET B 307 8.64 -8.95 20.67
CA MET B 307 8.82 -9.25 19.26
C MET B 307 10.06 -10.11 19.10
N PRO B 308 9.90 -11.42 18.87
CA PRO B 308 11.05 -12.27 18.59
C PRO B 308 11.82 -11.88 17.34
N TRP B 309 13.14 -11.75 17.48
CA TRP B 309 14.00 -11.23 16.44
C TRP B 309 15.33 -11.94 16.54
N ALA B 310 16.09 -11.94 15.46
CA ALA B 310 17.50 -12.31 15.57
C ALA B 310 18.24 -11.68 14.42
N ALA B 311 19.52 -11.41 14.63
CA ALA B 311 20.39 -10.91 13.56
C ALA B 311 21.65 -11.75 13.47
N VAL B 312 22.37 -11.57 12.37
CA VAL B 312 23.67 -12.16 12.19
C VAL B 312 24.55 -11.09 11.55
N LYS B 313 25.73 -10.89 12.14
CA LYS B 313 26.72 -9.99 11.58
C LYS B 313 28.09 -10.34 12.16
N GLY B 314 29.14 -10.10 11.38
CA GLY B 314 30.53 -10.33 11.79
C GLY B 314 30.76 -11.56 12.64
N GLY B 315 30.13 -12.67 12.25
CA GLY B 315 30.39 -13.96 12.90
C GLY B 315 29.68 -14.19 14.23
N LYS B 316 28.86 -13.26 14.67
CA LYS B 316 28.02 -13.49 15.85
C LYS B 316 26.57 -13.53 15.43
N VAL B 317 25.77 -14.24 16.22
CA VAL B 317 24.30 -14.33 16.11
C VAL B 317 23.61 -13.75 17.37
N HIS B 318 22.83 -12.67 17.19
CA HIS B 318 22.08 -12.01 18.29
C HIS B 318 20.61 -12.47 18.27
N ALA B 319 19.93 -12.49 19.40
CA ALA B 319 18.57 -13.02 19.41
C ALA B 319 17.83 -12.60 20.68
N GLY B 320 16.55 -12.31 20.55
CA GLY B 320 15.72 -12.03 21.72
C GLY B 320 14.22 -12.13 21.46
N ILE B 321 13.47 -12.08 22.54
CA ILE B 321 12.01 -12.03 22.49
C ILE B 321 11.59 -10.81 23.32
N ASP B 322 11.70 -10.90 24.65
CA ASP B 322 11.51 -9.72 25.51
C ASP B 322 12.73 -8.80 25.34
N LEU B 323 12.68 -7.64 25.97
CA LEU B 323 13.76 -6.67 25.90
C LEU B 323 15.00 -7.10 26.70
N ASN B 324 14.83 -8.06 27.60
CA ASN B 324 15.89 -8.39 28.57
C ASN B 324 16.50 -9.79 28.42
N ASP B 325 16.23 -10.47 27.30
CA ASP B 325 16.82 -11.79 27.04
C ASP B 325 17.79 -11.80 25.86
N THR B 326 18.17 -10.62 25.38
CA THR B 326 19.20 -10.51 24.34
C THR B 326 20.40 -11.43 24.64
N THR B 327 20.68 -12.38 23.74
CA THR B 327 21.92 -13.17 23.80
C THR B 327 22.86 -12.80 22.66
N VAL B 328 24.15 -13.08 22.86
CA VAL B 328 25.13 -13.06 21.79
C VAL B 328 25.81 -14.43 21.83
N THR B 329 26.40 -14.85 20.71
CA THR B 329 26.98 -16.18 20.58
C THR B 329 27.75 -16.31 19.25
N ASP B 330 28.87 -17.03 19.26
CA ASP B 330 29.68 -17.17 18.05
C ASP B 330 28.95 -18.04 17.03
N LEU B 331 29.03 -17.63 15.76
CA LEU B 331 28.24 -18.24 14.68
C LEU B 331 28.66 -19.68 14.37
N CYS B 332 27.74 -20.41 13.76
CA CYS B 332 27.94 -21.79 13.33
C CYS B 332 27.58 -21.98 11.85
#